data_3E4Y
#
_entry.id   3E4Y
#
_cell.length_a   69.604
_cell.length_b   92.680
_cell.length_c   165.499
_cell.angle_alpha   90.00
_cell.angle_beta   90.00
_cell.angle_gamma   90.00
#
_symmetry.space_group_name_H-M   'I 21 21 21'
#
loop_
_entity.id
_entity.type
_entity.pdbx_description
1 polymer 'Putative uncharacterized protein'
2 non-polymer 'PROTOPORPHYRIN IX CONTAINING FE'
3 non-polymer GLYCEROL
4 non-polymer 'PHOSPHATE ION'
5 water water
#
_entity_poly.entity_id   1
_entity_poly.type   'polypeptide(L)'
_entity_poly.pdbx_seq_one_letter_code
;MHHHHHHMSGGLTPDQAIDAIRGTGGAQPGCRALHAKGTLYRGTFTATRDAVMLSAAPHLDGSTVPALIRFSNGSGNPKQ
RDGAPGVRGMAVKFTLPDGSTTDVSAQTARLLVSSTPEGFIDLLKAMRPGLTTPLRLATHLLTHPRLLGALPLLREANRI
PASYATTEYHGLHAFRWIAADGSARFVRYHLVPTAAEEYLSASDARGKDPDFLTDELAARLQDGPVRFDFRVQIAGPTDS
TVDPSSAWQSTQIVTVGTVTITGPDTEREHGGDIVVFDPMRVTDGIEPSDDPVLRFRTLVYSASVKLRTGVDRGAQAPPV
;
_entity_poly.pdbx_strand_id   A
#
loop_
_chem_comp.id
_chem_comp.type
_chem_comp.name
_chem_comp.formula
GOL non-polymer GLYCEROL 'C3 H8 O3'
HEM non-polymer 'PROTOPORPHYRIN IX CONTAINING FE' 'C34 H32 Fe N4 O4'
PO4 non-polymer 'PHOSPHATE ION' 'O4 P -3'
#
# COMPACT_ATOMS: atom_id res chain seq x y z
N GLY A 11 -3.05 26.34 4.00
CA GLY A 11 -2.33 25.04 4.14
C GLY A 11 -2.48 24.16 2.92
N LEU A 12 -2.23 22.86 3.09
CA LEU A 12 -2.35 21.89 1.99
C LEU A 12 -3.75 21.32 1.95
N THR A 13 -4.35 21.32 0.77
CA THR A 13 -5.70 20.81 0.59
C THR A 13 -5.69 19.56 -0.29
N PRO A 14 -6.76 18.75 -0.21
CA PRO A 14 -6.86 17.53 -1.02
C PRO A 14 -6.75 17.87 -2.50
N ASP A 15 -7.48 18.90 -2.93
CA ASP A 15 -7.48 19.35 -4.31
C ASP A 15 -6.05 19.55 -4.80
N GLN A 16 -5.26 20.25 -3.99
CA GLN A 16 -3.88 20.51 -4.33
C GLN A 16 -3.13 19.20 -4.55
N ALA A 17 -3.29 18.28 -3.61
CA ALA A 17 -2.65 16.97 -3.70
C ALA A 17 -2.97 16.35 -5.05
N ILE A 18 -4.26 16.35 -5.41
CA ILE A 18 -4.69 15.80 -6.69
C ILE A 18 -4.00 16.53 -7.84
N ASP A 19 -3.86 17.85 -7.71
CA ASP A 19 -3.22 18.64 -8.75
C ASP A 19 -1.80 18.17 -8.98
N ALA A 20 -1.04 18.05 -7.90
CA ALA A 20 0.35 17.60 -8.00
C ALA A 20 0.36 16.23 -8.68
N ILE A 21 -0.56 15.36 -8.25
CA ILE A 21 -0.68 14.02 -8.81
C ILE A 21 -0.94 14.07 -10.32
N ARG A 22 -1.91 14.89 -10.72
CA ARG A 22 -2.24 15.03 -12.13
C ARG A 22 -1.01 15.51 -12.90
N GLY A 23 -0.24 16.38 -12.26
CA GLY A 23 0.95 16.93 -12.89
C GLY A 23 2.02 15.89 -13.16
N THR A 24 1.82 14.66 -12.69
CA THR A 24 2.78 13.59 -12.90
C THR A 24 2.23 12.53 -13.86
N GLY A 25 1.09 12.83 -14.45
CA GLY A 25 0.46 11.91 -15.38
C GLY A 25 -0.73 11.21 -14.77
N GLY A 26 -0.95 11.47 -13.48
CA GLY A 26 -2.06 10.85 -12.78
C GLY A 26 -3.37 11.59 -12.93
N ALA A 27 -4.33 11.23 -12.09
CA ALA A 27 -5.66 11.83 -12.11
C ALA A 27 -6.35 11.60 -13.45
N GLN A 28 -6.01 10.50 -14.10
CA GLN A 28 -6.62 10.14 -15.38
C GLN A 28 -8.12 9.97 -15.19
N PRO A 29 -8.90 10.10 -16.27
CA PRO A 29 -10.36 9.95 -16.20
C PRO A 29 -10.80 8.57 -15.77
N GLY A 30 -11.72 8.51 -14.81
CA GLY A 30 -12.22 7.24 -14.33
C GLY A 30 -11.22 6.33 -13.65
N CYS A 31 -10.03 6.86 -13.36
CA CYS A 31 -9.00 6.07 -12.69
C CYS A 31 -8.63 6.66 -11.34
N ARG A 32 -8.07 5.83 -10.48
CA ARG A 32 -7.64 6.28 -9.17
C ARG A 32 -6.53 7.29 -9.51
N ALA A 33 -6.48 8.43 -8.82
CA ALA A 33 -5.45 9.43 -9.12
C ALA A 33 -4.09 8.74 -9.18
N LEU A 34 -3.83 7.84 -8.24
CA LEU A 34 -2.59 7.08 -8.21
C LEU A 34 -2.96 5.59 -8.18
N HIS A 35 -2.01 4.72 -8.49
CA HIS A 35 -2.28 3.28 -8.50
C HIS A 35 -3.45 3.02 -9.44
N ALA A 36 -3.46 3.72 -10.57
CA ALA A 36 -4.51 3.61 -11.57
C ALA A 36 -4.64 2.19 -12.12
N LYS A 37 -3.50 1.57 -12.39
CA LYS A 37 -3.48 0.20 -12.93
C LYS A 37 -3.44 -0.84 -11.81
N GLY A 38 -4.50 -1.62 -11.69
CA GLY A 38 -4.57 -2.64 -10.66
C GLY A 38 -5.72 -3.61 -10.88
N THR A 39 -5.59 -4.82 -10.31
CA THR A 39 -6.62 -5.84 -10.48
C THR A 39 -7.11 -6.39 -9.13
N LEU A 40 -8.39 -6.78 -9.10
CA LEU A 40 -9.00 -7.32 -7.89
C LEU A 40 -8.98 -8.84 -7.83
N TYR A 41 -8.76 -9.36 -6.62
CA TYR A 41 -8.71 -10.80 -6.40
C TYR A 41 -9.49 -11.21 -5.17
N ARG A 42 -9.99 -12.44 -5.19
CA ARG A 42 -10.77 -13.00 -4.10
C ARG A 42 -9.93 -13.89 -3.20
N GLY A 43 -10.21 -13.83 -1.90
CA GLY A 43 -9.50 -14.66 -0.96
C GLY A 43 -10.15 -14.64 0.42
N THR A 44 -9.47 -15.20 1.40
CA THR A 44 -9.95 -15.22 2.77
C THR A 44 -8.74 -14.93 3.64
N PHE A 45 -9.00 -14.60 4.90
CA PHE A 45 -7.95 -14.32 5.87
C PHE A 45 -8.28 -14.99 7.19
N THR A 46 -7.27 -15.56 7.82
CA THR A 46 -7.44 -16.21 9.11
C THR A 46 -6.24 -15.84 9.96
N ALA A 47 -6.51 -15.29 11.15
CA ALA A 47 -5.43 -14.88 12.04
C ALA A 47 -4.87 -16.07 12.79
N THR A 48 -3.73 -15.88 13.41
CA THR A 48 -3.11 -16.93 14.20
C THR A 48 -3.91 -16.96 15.51
N ARG A 49 -3.72 -18.02 16.28
CA ARG A 49 -4.44 -18.16 17.54
C ARG A 49 -4.11 -17.03 18.54
N ASP A 50 -2.88 -16.53 18.48
CA ASP A 50 -2.41 -15.49 19.39
C ASP A 50 -2.73 -14.04 19.05
N ALA A 51 -3.06 -13.75 17.80
CA ALA A 51 -3.35 -12.37 17.41
C ALA A 51 -4.39 -11.68 18.31
N VAL A 52 -5.36 -12.42 18.80
CA VAL A 52 -6.39 -11.84 19.65
C VAL A 52 -5.82 -11.25 20.95
N MET A 53 -4.56 -11.55 21.22
CA MET A 53 -3.89 -11.02 22.41
C MET A 53 -3.34 -9.63 22.13
N LEU A 54 -3.21 -9.31 20.85
CA LEU A 54 -2.70 -8.01 20.41
C LEU A 54 -3.83 -7.03 20.08
N SER A 55 -4.91 -7.53 19.49
CA SER A 55 -6.03 -6.67 19.14
C SER A 55 -7.35 -7.37 19.29
N ALA A 56 -8.40 -6.58 19.54
CA ALA A 56 -9.75 -7.12 19.69
C ALA A 56 -10.51 -7.05 18.37
N ALA A 57 -9.86 -6.60 17.31
CA ALA A 57 -10.48 -6.50 15.99
C ALA A 57 -11.13 -7.83 15.59
N PRO A 58 -12.39 -7.77 15.13
CA PRO A 58 -13.12 -8.98 14.73
C PRO A 58 -12.43 -9.89 13.73
N HIS A 59 -11.67 -9.34 12.79
CA HIS A 59 -11.00 -10.18 11.81
C HIS A 59 -9.73 -10.82 12.32
N LEU A 60 -9.35 -10.48 13.55
CA LEU A 60 -8.12 -11.05 14.11
C LEU A 60 -8.40 -12.10 15.18
N ASP A 61 -9.66 -12.45 15.42
CA ASP A 61 -9.98 -13.42 16.46
C ASP A 61 -9.66 -14.89 16.16
N GLY A 62 -9.34 -15.19 14.91
CA GLY A 62 -9.02 -16.56 14.57
C GLY A 62 -10.00 -17.18 13.62
N SER A 63 -11.08 -16.47 13.34
CA SER A 63 -12.08 -16.99 12.43
C SER A 63 -11.61 -16.64 11.02
N THR A 64 -12.28 -17.20 10.02
CA THR A 64 -11.92 -16.92 8.64
C THR A 64 -12.89 -15.90 8.08
N VAL A 65 -12.36 -14.82 7.50
CA VAL A 65 -13.20 -13.76 6.93
C VAL A 65 -12.89 -13.51 5.46
N PRO A 66 -13.86 -12.96 4.72
CA PRO A 66 -13.66 -12.68 3.30
C PRO A 66 -12.57 -11.63 3.10
N ALA A 67 -11.74 -11.80 2.07
CA ALA A 67 -10.68 -10.86 1.78
C ALA A 67 -10.67 -10.50 0.31
N LEU A 68 -10.74 -9.20 0.02
CA LEU A 68 -10.69 -8.69 -1.35
C LEU A 68 -9.31 -8.03 -1.48
N ILE A 69 -8.52 -8.46 -2.47
CA ILE A 69 -7.19 -7.91 -2.64
C ILE A 69 -6.99 -7.19 -3.98
N ARG A 70 -6.27 -6.07 -3.96
CA ARG A 70 -5.98 -5.38 -5.21
C ARG A 70 -4.46 -5.24 -5.39
N PHE A 71 -3.96 -5.75 -6.50
CA PHE A 71 -2.54 -5.64 -6.80
C PHE A 71 -2.44 -4.54 -7.82
N SER A 72 -1.57 -3.58 -7.58
CA SER A 72 -1.47 -2.45 -8.49
C SER A 72 -0.09 -1.84 -8.66
N ASN A 73 0.04 -1.01 -9.69
CA ASN A 73 1.27 -0.29 -9.96
C ASN A 73 0.98 1.11 -9.40
N GLY A 74 1.96 1.68 -8.70
CA GLY A 74 1.75 2.98 -8.10
C GLY A 74 1.44 4.14 -9.04
N SER A 75 1.86 4.02 -10.30
CA SER A 75 1.64 5.07 -11.29
C SER A 75 0.20 5.52 -11.45
N GLY A 76 0.02 6.78 -11.81
CA GLY A 76 -1.31 7.34 -12.02
C GLY A 76 -1.71 7.05 -13.46
N ASN A 77 -0.78 6.49 -14.20
CA ASN A 77 -1.01 6.14 -15.61
C ASN A 77 -1.55 4.70 -15.69
N PRO A 78 -2.79 4.57 -16.17
CA PRO A 78 -3.46 3.27 -16.31
C PRO A 78 -2.69 2.35 -17.24
N LYS A 79 -1.96 2.95 -18.19
CA LYS A 79 -1.20 2.19 -19.18
C LYS A 79 0.25 2.00 -18.78
N GLN A 80 0.55 2.23 -17.51
CA GLN A 80 1.92 2.07 -17.02
C GLN A 80 2.44 0.68 -17.39
N ARG A 81 3.72 0.58 -17.71
CA ARG A 81 4.31 -0.70 -18.10
C ARG A 81 4.83 -1.51 -16.90
N ASP A 82 4.30 -2.71 -16.71
CA ASP A 82 4.73 -3.55 -15.60
C ASP A 82 6.25 -3.71 -15.57
N GLY A 83 6.85 -3.88 -16.74
CA GLY A 83 8.28 -4.06 -16.84
C GLY A 83 9.15 -2.86 -16.47
N ALA A 84 8.55 -1.69 -16.37
CA ALA A 84 9.31 -0.49 -16.03
C ALA A 84 9.42 -0.34 -14.51
N PRO A 85 10.45 0.38 -14.04
CA PRO A 85 10.63 0.59 -12.60
C PRO A 85 9.41 1.28 -12.00
N GLY A 86 9.09 0.92 -10.77
CA GLY A 86 7.94 1.51 -10.10
C GLY A 86 7.50 0.79 -8.85
N VAL A 87 6.68 1.47 -8.05
CA VAL A 87 6.16 0.91 -6.82
C VAL A 87 4.93 0.06 -7.13
N ARG A 88 4.82 -1.07 -6.43
CA ARG A 88 3.67 -1.94 -6.59
C ARG A 88 2.89 -1.87 -5.28
N GLY A 89 1.57 -1.95 -5.37
CA GLY A 89 0.77 -1.89 -4.16
C GLY A 89 -0.11 -3.10 -3.95
N MET A 90 -0.20 -3.55 -2.70
CA MET A 90 -1.07 -4.67 -2.31
C MET A 90 -2.03 -4.16 -1.26
N ALA A 91 -3.32 -4.18 -1.58
CA ALA A 91 -4.32 -3.70 -0.63
C ALA A 91 -5.34 -4.78 -0.32
N VAL A 92 -5.66 -4.93 0.96
CA VAL A 92 -6.60 -5.95 1.40
C VAL A 92 -7.80 -5.35 2.16
N LYS A 93 -9.00 -5.77 1.75
CA LYS A 93 -10.22 -5.30 2.37
C LYS A 93 -10.87 -6.49 3.09
N PHE A 94 -10.94 -6.41 4.40
CA PHE A 94 -11.53 -7.49 5.20
C PHE A 94 -13.00 -7.22 5.51
N THR A 95 -13.84 -8.24 5.32
CA THR A 95 -15.27 -8.10 5.64
C THR A 95 -15.50 -8.72 7.00
N LEU A 96 -16.07 -7.94 7.90
CA LEU A 96 -16.32 -8.41 9.25
C LEU A 96 -17.69 -9.08 9.39
N PRO A 97 -17.85 -9.89 10.43
CA PRO A 97 -19.11 -10.59 10.67
C PRO A 97 -20.37 -9.75 10.50
N ASP A 98 -20.33 -8.51 10.98
CA ASP A 98 -21.48 -7.62 10.89
C ASP A 98 -21.61 -6.92 9.55
N GLY A 99 -20.78 -7.29 8.58
CA GLY A 99 -20.86 -6.69 7.28
C GLY A 99 -19.94 -5.50 7.05
N SER A 100 -19.49 -4.86 8.13
CA SER A 100 -18.58 -3.71 7.99
C SER A 100 -17.23 -4.17 7.42
N THR A 101 -16.38 -3.21 7.05
CA THR A 101 -15.08 -3.57 6.50
C THR A 101 -13.95 -2.72 7.06
N THR A 102 -12.73 -3.26 7.01
CA THR A 102 -11.56 -2.54 7.47
C THR A 102 -10.43 -2.83 6.49
N ASP A 103 -9.69 -1.80 6.07
CA ASP A 103 -8.63 -2.00 5.09
C ASP A 103 -7.19 -2.01 5.59
N VAL A 104 -6.31 -2.61 4.79
CA VAL A 104 -4.89 -2.64 5.07
C VAL A 104 -4.27 -2.30 3.73
N SER A 105 -3.53 -1.19 3.68
CA SER A 105 -2.90 -0.72 2.46
C SER A 105 -1.37 -0.80 2.52
N ALA A 106 -0.77 -1.45 1.53
CA ALA A 106 0.67 -1.59 1.54
C ALA A 106 1.30 -1.55 0.16
N GLN A 107 2.51 -1.04 0.08
CA GLN A 107 3.22 -0.96 -1.18
C GLN A 107 4.66 -1.44 -0.98
N THR A 108 5.38 -1.61 -2.08
CA THR A 108 6.74 -2.11 -2.05
C THR A 108 7.88 -1.37 -1.32
N ALA A 109 7.68 -0.11 -0.95
CA ALA A 109 8.74 0.65 -0.28
C ALA A 109 8.83 0.37 1.22
N ARG A 110 10.06 0.30 1.75
CA ARG A 110 10.29 0.03 3.18
C ARG A 110 9.87 1.15 4.11
N LEU A 111 10.07 2.40 3.69
CA LEU A 111 9.72 3.55 4.49
C LEU A 111 9.14 4.61 3.57
N LEU A 112 8.49 5.61 4.13
CA LEU A 112 7.93 6.66 3.29
C LEU A 112 9.04 7.65 2.91
N VAL A 113 8.98 8.20 1.70
CA VAL A 113 9.98 9.15 1.21
C VAL A 113 9.96 10.46 1.98
N SER A 114 8.82 10.77 2.60
CA SER A 114 8.64 11.99 3.37
C SER A 114 7.91 11.68 4.67
N SER A 115 8.11 12.53 5.68
CA SER A 115 7.47 12.34 6.97
C SER A 115 6.17 13.12 7.09
N THR A 116 5.89 13.97 6.10
CA THR A 116 4.67 14.77 6.13
C THR A 116 4.01 14.76 4.76
N PRO A 117 2.72 15.14 4.71
CA PRO A 117 1.99 15.18 3.44
C PRO A 117 2.60 16.26 2.53
N GLU A 118 2.90 17.41 3.11
CA GLU A 118 3.50 18.52 2.37
C GLU A 118 4.78 18.03 1.69
N GLY A 119 5.63 17.37 2.46
CA GLY A 119 6.87 16.87 1.90
C GLY A 119 6.63 15.95 0.71
N PHE A 120 5.66 15.05 0.83
CA PHE A 120 5.35 14.13 -0.25
C PHE A 120 4.84 14.88 -1.47
N ILE A 121 3.90 15.80 -1.25
CA ILE A 121 3.33 16.59 -2.33
C ILE A 121 4.37 17.49 -2.99
N ASP A 122 5.20 18.15 -2.19
CA ASP A 122 6.24 19.01 -2.76
C ASP A 122 7.07 18.17 -3.73
N LEU A 123 7.23 16.89 -3.39
CA LEU A 123 8.01 15.98 -4.21
C LEU A 123 7.29 15.66 -5.53
N LEU A 124 5.97 15.50 -5.48
CA LEU A 124 5.18 15.20 -6.68
C LEU A 124 5.15 16.39 -7.66
N LYS A 125 5.38 17.60 -7.14
CA LYS A 125 5.40 18.79 -7.99
C LYS A 125 6.75 18.86 -8.71
N ALA A 126 7.82 18.84 -7.93
CA ALA A 126 9.17 18.89 -8.46
C ALA A 126 9.46 17.66 -9.30
N MET A 127 8.50 16.75 -9.38
CA MET A 127 8.65 15.51 -10.12
C MET A 127 7.98 15.64 -11.49
N ARG A 128 7.26 16.75 -11.67
CA ARG A 128 6.54 17.02 -12.90
C ARG A 128 7.49 17.27 -14.08
N PRO A 129 7.20 16.69 -15.25
CA PRO A 129 8.01 16.85 -16.46
C PRO A 129 7.89 18.26 -17.03
N GLY A 130 8.69 18.54 -18.06
CA GLY A 130 8.64 19.85 -18.70
C GLY A 130 9.78 20.79 -18.35
N LEU A 131 9.43 22.02 -17.98
CA LEU A 131 10.39 23.06 -17.61
C LEU A 131 11.76 22.50 -17.26
N THR A 132 12.07 22.52 -15.97
CA THR A 132 13.34 22.02 -15.46
C THR A 132 13.09 20.85 -14.51
N THR A 133 12.90 19.66 -15.08
CA THR A 133 12.64 18.47 -14.28
C THR A 133 13.84 18.13 -13.38
N PRO A 134 14.97 17.69 -13.97
CA PRO A 134 16.14 17.34 -13.15
C PRO A 134 16.66 18.47 -12.24
N LEU A 135 16.24 19.70 -12.50
CA LEU A 135 16.66 20.83 -11.68
C LEU A 135 15.83 20.95 -10.42
N ARG A 136 14.53 21.17 -10.59
CA ARG A 136 13.61 21.31 -9.45
C ARG A 136 13.60 20.05 -8.59
N LEU A 137 13.90 18.91 -9.22
CA LEU A 137 13.93 17.63 -8.51
C LEU A 137 15.24 17.55 -7.76
N ALA A 138 15.82 18.70 -7.45
CA ALA A 138 17.08 18.81 -6.74
C ALA A 138 16.95 19.90 -5.68
N THR A 139 16.26 20.98 -6.03
CA THR A 139 16.04 22.07 -5.09
C THR A 139 15.23 21.49 -3.93
N HIS A 140 14.74 20.28 -4.13
CA HIS A 140 13.97 19.59 -3.11
C HIS A 140 14.97 19.00 -2.13
N LEU A 141 15.97 18.30 -2.66
CA LEU A 141 17.01 17.68 -1.85
C LEU A 141 17.59 18.70 -0.87
N LEU A 142 17.75 19.92 -1.34
CA LEU A 142 18.29 21.00 -0.53
C LEU A 142 17.33 21.30 0.63
N THR A 143 16.03 21.20 0.34
CA THR A 143 14.99 21.46 1.34
C THR A 143 14.83 20.24 2.25
N HIS A 144 14.93 19.05 1.67
CA HIS A 144 14.79 17.81 2.41
C HIS A 144 16.07 16.96 2.30
N PRO A 145 17.07 17.27 3.16
CA PRO A 145 18.35 16.58 3.21
C PRO A 145 18.14 15.09 3.28
N ARG A 146 17.38 14.68 4.29
CA ARG A 146 17.05 13.29 4.54
C ARG A 146 17.04 12.40 3.29
N LEU A 147 16.59 12.97 2.17
CA LEU A 147 16.50 12.24 0.91
C LEU A 147 17.81 11.91 0.19
N LEU A 148 18.90 12.59 0.55
CA LEU A 148 20.17 12.33 -0.12
C LEU A 148 20.73 10.93 0.09
N GLY A 149 20.28 10.25 1.14
CA GLY A 149 20.75 8.91 1.40
C GLY A 149 19.68 7.90 1.06
N ALA A 150 18.62 8.37 0.42
CA ALA A 150 17.47 7.55 0.05
C ALA A 150 17.65 6.61 -1.13
N LEU A 151 18.28 7.06 -2.20
CA LEU A 151 18.48 6.24 -3.39
C LEU A 151 18.49 4.74 -3.10
N PRO A 152 19.29 4.30 -2.12
CA PRO A 152 19.34 2.86 -1.80
C PRO A 152 17.95 2.24 -1.61
N LEU A 153 17.15 2.83 -0.72
CA LEU A 153 15.81 2.33 -0.46
C LEU A 153 14.89 2.56 -1.65
N LEU A 154 15.01 3.73 -2.28
CA LEU A 154 14.18 4.03 -3.44
C LEU A 154 14.35 2.98 -4.52
N ARG A 155 15.59 2.55 -4.74
CA ARG A 155 15.84 1.56 -5.77
C ARG A 155 15.12 0.27 -5.44
N GLU A 156 15.29 -0.20 -4.21
CA GLU A 156 14.66 -1.42 -3.73
C GLU A 156 13.13 -1.39 -3.90
N ALA A 157 12.55 -0.21 -3.64
CA ALA A 157 11.11 -0.02 -3.73
C ALA A 157 10.60 0.07 -5.15
N ASN A 158 11.51 0.05 -6.12
CA ASN A 158 11.11 0.15 -7.51
C ASN A 158 11.57 -1.03 -8.36
N ARG A 159 12.13 -2.04 -7.72
CA ARG A 159 12.57 -3.23 -8.44
C ARG A 159 11.39 -3.76 -9.22
N ILE A 160 11.66 -4.55 -10.26
CA ILE A 160 10.59 -5.12 -11.05
C ILE A 160 10.41 -6.55 -10.54
N PRO A 161 9.34 -6.79 -9.75
CA PRO A 161 9.10 -8.13 -9.21
C PRO A 161 8.73 -9.09 -10.34
N ALA A 162 9.21 -10.32 -10.22
CA ALA A 162 8.92 -11.34 -11.22
C ALA A 162 7.43 -11.62 -11.20
N SER A 163 6.82 -11.33 -10.06
CA SER A 163 5.40 -11.58 -9.84
C SER A 163 4.92 -10.76 -8.65
N TYR A 164 3.64 -10.40 -8.64
CA TYR A 164 3.08 -9.65 -7.53
C TYR A 164 3.16 -10.54 -6.29
N ALA A 165 3.27 -11.85 -6.54
CA ALA A 165 3.34 -12.82 -5.46
C ALA A 165 4.75 -13.07 -4.95
N THR A 166 5.75 -12.46 -5.57
CA THR A 166 7.13 -12.69 -5.15
C THR A 166 7.88 -11.48 -4.59
N THR A 167 7.12 -10.57 -3.99
CA THR A 167 7.71 -9.38 -3.38
C THR A 167 6.88 -9.10 -2.12
N GLU A 168 7.42 -8.29 -1.21
CA GLU A 168 6.70 -7.96 0.01
C GLU A 168 6.22 -6.53 0.03
N TYR A 169 5.18 -6.26 0.82
CA TYR A 169 4.60 -4.93 0.90
C TYR A 169 4.56 -4.43 2.35
N HIS A 170 4.61 -3.12 2.50
CA HIS A 170 4.65 -2.54 3.83
C HIS A 170 3.59 -1.44 4.03
N GLY A 171 2.98 -1.44 5.22
CA GLY A 171 1.97 -0.45 5.54
C GLY A 171 2.51 0.91 5.97
N LEU A 172 3.79 0.94 6.33
CA LEU A 172 4.49 2.16 6.74
C LEU A 172 3.97 2.86 7.99
N HIS A 173 2.69 3.22 8.03
CA HIS A 173 2.17 3.92 9.19
C HIS A 173 2.06 3.02 10.40
N ALA A 174 2.19 3.61 11.58
CA ALA A 174 2.07 2.87 12.82
C ALA A 174 0.62 2.92 13.26
N PHE A 175 0.09 1.78 13.68
CA PHE A 175 -1.28 1.72 14.16
C PHE A 175 -1.26 1.21 15.58
N ARG A 176 -2.17 1.73 16.40
CA ARG A 176 -2.29 1.33 17.79
C ARG A 176 -3.29 0.17 17.86
N TRP A 177 -2.82 -0.98 18.31
CA TRP A 177 -3.66 -2.16 18.45
C TRP A 177 -4.05 -2.35 19.91
N ILE A 178 -5.35 -2.37 20.17
CA ILE A 178 -5.89 -2.53 21.52
C ILE A 178 -6.56 -3.90 21.63
N ALA A 179 -6.23 -4.65 22.69
CA ALA A 179 -6.83 -5.96 22.91
C ALA A 179 -7.95 -5.84 23.96
N ALA A 180 -8.75 -6.89 24.13
CA ALA A 180 -9.85 -6.85 25.09
C ALA A 180 -9.45 -6.51 26.51
N ASP A 181 -8.22 -6.87 26.89
CA ASP A 181 -7.74 -6.59 28.25
C ASP A 181 -7.34 -5.13 28.48
N GLY A 182 -7.40 -4.31 27.43
CA GLY A 182 -7.06 -2.92 27.57
C GLY A 182 -5.62 -2.60 27.21
N SER A 183 -4.83 -3.64 26.99
CA SER A 183 -3.44 -3.44 26.64
C SER A 183 -3.36 -2.92 25.22
N ALA A 184 -2.35 -2.13 24.94
CA ALA A 184 -2.18 -1.56 23.62
C ALA A 184 -0.72 -1.60 23.21
N ARG A 185 -0.46 -1.56 21.91
CA ARG A 185 0.90 -1.55 21.36
C ARG A 185 0.83 -1.00 19.95
N PHE A 186 1.88 -0.32 19.53
CA PHE A 186 1.89 0.21 18.18
C PHE A 186 2.59 -0.77 17.26
N VAL A 187 2.04 -0.91 16.05
CA VAL A 187 2.62 -1.83 15.09
C VAL A 187 2.64 -1.22 13.69
N ARG A 188 3.49 -1.78 12.83
CA ARG A 188 3.59 -1.37 11.44
C ARG A 188 3.27 -2.66 10.68
N TYR A 189 2.51 -2.54 9.60
CA TYR A 189 2.12 -3.71 8.83
C TYR A 189 3.13 -4.16 7.77
N HIS A 190 3.21 -5.48 7.57
CA HIS A 190 4.08 -6.09 6.57
C HIS A 190 3.40 -7.32 5.97
N LEU A 191 3.25 -7.32 4.65
CA LEU A 191 2.65 -8.47 3.96
C LEU A 191 3.77 -9.20 3.19
N VAL A 192 4.22 -10.33 3.73
CA VAL A 192 5.28 -11.10 3.09
C VAL A 192 4.74 -12.31 2.35
N PRO A 193 5.34 -12.66 1.21
CA PRO A 193 4.87 -13.81 0.44
C PRO A 193 5.41 -15.12 0.99
N THR A 194 4.71 -16.23 0.76
CA THR A 194 5.20 -17.52 1.22
C THR A 194 6.05 -18.08 0.08
N ALA A 195 5.89 -17.48 -1.09
CA ALA A 195 6.66 -17.85 -2.28
C ALA A 195 7.99 -17.11 -2.13
N ALA A 196 9.04 -17.65 -2.74
CA ALA A 196 10.36 -17.02 -2.68
C ALA A 196 10.31 -15.64 -3.33
N GLU A 197 10.86 -14.63 -2.67
CA GLU A 197 10.87 -13.31 -3.27
C GLU A 197 11.74 -13.44 -4.52
N GLU A 198 11.33 -12.79 -5.60
CA GLU A 198 12.06 -12.90 -6.86
C GLU A 198 11.87 -11.67 -7.76
N TYR A 199 12.98 -11.16 -8.31
CA TYR A 199 12.89 -10.00 -9.19
C TYR A 199 13.59 -10.20 -10.55
N LEU A 200 13.28 -9.32 -11.49
CA LEU A 200 13.87 -9.36 -12.83
C LEU A 200 14.82 -8.20 -12.98
N SER A 201 15.89 -8.39 -13.76
CA SER A 201 16.85 -7.31 -13.99
C SER A 201 16.19 -6.33 -14.96
N ALA A 202 16.71 -5.10 -15.01
CA ALA A 202 16.17 -4.10 -15.91
C ALA A 202 16.08 -4.72 -17.29
N SER A 203 17.11 -5.48 -17.63
CA SER A 203 17.18 -6.17 -18.92
C SER A 203 15.90 -6.95 -19.23
N ASP A 204 15.67 -8.01 -18.45
CA ASP A 204 14.49 -8.86 -18.64
C ASP A 204 13.21 -8.05 -18.54
N ALA A 205 13.15 -7.15 -17.56
CA ALA A 205 11.97 -6.32 -17.37
C ALA A 205 11.57 -5.60 -18.66
N ARG A 206 12.54 -5.05 -19.36
CA ARG A 206 12.26 -4.33 -20.61
C ARG A 206 11.55 -5.21 -21.63
N GLY A 207 12.11 -6.40 -21.89
CA GLY A 207 11.52 -7.31 -22.85
C GLY A 207 10.12 -7.82 -22.53
N LYS A 208 9.71 -7.74 -21.26
CA LYS A 208 8.40 -8.22 -20.84
C LYS A 208 7.18 -7.51 -21.43
N ASP A 209 6.08 -8.23 -21.47
CA ASP A 209 4.82 -7.72 -21.97
C ASP A 209 4.37 -6.59 -21.03
N PRO A 210 3.76 -5.52 -21.57
CA PRO A 210 3.28 -4.39 -20.76
C PRO A 210 2.52 -4.78 -19.49
N ASP A 211 1.77 -5.87 -19.56
CA ASP A 211 0.98 -6.33 -18.43
C ASP A 211 1.33 -7.75 -17.99
N PHE A 212 2.60 -8.12 -18.10
CA PHE A 212 3.02 -9.48 -17.74
C PHE A 212 2.65 -9.85 -16.30
N LEU A 213 2.67 -8.87 -15.38
CA LEU A 213 2.32 -9.14 -13.99
C LEU A 213 0.87 -9.61 -13.86
N THR A 214 -0.02 -9.05 -14.67
CA THR A 214 -1.41 -9.47 -14.64
C THR A 214 -1.56 -10.90 -15.15
N ASP A 215 -0.85 -11.19 -16.23
CA ASP A 215 -0.89 -12.51 -16.84
C ASP A 215 -0.26 -13.59 -15.96
N GLU A 216 0.91 -13.31 -15.38
CA GLU A 216 1.57 -14.31 -14.55
C GLU A 216 0.72 -14.67 -13.33
N LEU A 217 0.14 -13.66 -12.69
CA LEU A 217 -0.67 -13.95 -11.50
C LEU A 217 -1.93 -14.74 -11.83
N ALA A 218 -2.51 -14.51 -13.01
CA ALA A 218 -3.71 -15.24 -13.40
C ALA A 218 -3.30 -16.70 -13.57
N ALA A 219 -2.14 -16.89 -14.18
CA ALA A 219 -1.60 -18.23 -14.42
C ALA A 219 -1.22 -18.91 -13.10
N ARG A 220 -0.60 -18.16 -12.19
CA ARG A 220 -0.21 -18.70 -10.90
C ARG A 220 -1.40 -19.21 -10.09
N LEU A 221 -2.48 -18.43 -10.07
CA LEU A 221 -3.69 -18.81 -9.34
C LEU A 221 -4.40 -20.03 -9.94
N GLN A 222 -4.29 -20.23 -11.25
CA GLN A 222 -4.90 -21.39 -11.89
C GLN A 222 -4.10 -22.63 -11.51
N ASP A 223 -2.92 -22.41 -10.95
CA ASP A 223 -2.04 -23.50 -10.53
C ASP A 223 -2.29 -23.82 -9.06
N GLY A 224 -2.77 -22.81 -8.33
CA GLY A 224 -3.05 -22.97 -6.92
C GLY A 224 -3.09 -21.63 -6.22
N PRO A 225 -3.58 -21.57 -4.97
CA PRO A 225 -3.66 -20.31 -4.23
C PRO A 225 -2.33 -19.61 -3.95
N VAL A 226 -2.41 -18.30 -3.75
CA VAL A 226 -1.22 -17.52 -3.44
C VAL A 226 -1.34 -17.07 -1.98
N ARG A 227 -0.25 -17.19 -1.24
CA ARG A 227 -0.27 -16.83 0.16
C ARG A 227 0.66 -15.73 0.63
N PHE A 228 0.15 -14.91 1.54
CA PHE A 228 0.90 -13.82 2.13
C PHE A 228 0.69 -13.82 3.63
N ASP A 229 1.78 -13.83 4.39
CA ASP A 229 1.65 -13.79 5.84
C ASP A 229 1.60 -12.35 6.29
N PHE A 230 0.61 -12.05 7.13
CA PHE A 230 0.43 -10.71 7.65
C PHE A 230 1.29 -10.60 8.91
N ARG A 231 2.26 -9.71 8.88
CA ARG A 231 3.15 -9.52 10.03
C ARG A 231 3.09 -8.14 10.61
N VAL A 232 3.15 -8.07 11.94
CA VAL A 232 3.16 -6.78 12.61
C VAL A 232 4.51 -6.63 13.30
N GLN A 233 5.12 -5.47 13.11
CA GLN A 233 6.39 -5.15 13.74
C GLN A 233 5.98 -4.25 14.91
N ILE A 234 6.19 -4.74 16.13
CA ILE A 234 5.79 -4.01 17.34
C ILE A 234 6.84 -2.99 17.83
N ALA A 235 6.43 -1.73 17.87
CA ALA A 235 7.27 -0.60 18.27
C ALA A 235 8.21 -0.83 19.45
N GLY A 236 9.45 -0.37 19.28
CA GLY A 236 10.45 -0.50 20.32
C GLY A 236 10.42 0.79 21.13
N PRO A 237 11.14 0.86 22.25
CA PRO A 237 11.11 2.10 23.05
C PRO A 237 11.44 3.43 22.37
N THR A 238 12.12 3.42 21.23
CA THR A 238 12.43 4.71 20.59
C THR A 238 11.96 4.80 19.14
N ASP A 239 10.96 4.00 18.78
CA ASP A 239 10.45 4.01 17.42
C ASP A 239 9.29 4.98 17.27
N SER A 240 9.43 5.94 16.36
CA SER A 240 8.39 6.94 16.12
C SER A 240 7.09 6.34 15.62
N THR A 241 5.99 6.77 16.21
CA THR A 241 4.67 6.29 15.81
C THR A 241 3.99 7.35 14.97
N VAL A 242 4.71 8.42 14.64
CA VAL A 242 4.10 9.48 13.84
C VAL A 242 4.88 9.81 12.56
N ASP A 243 6.10 9.30 12.45
CA ASP A 243 6.92 9.56 11.28
C ASP A 243 7.17 8.27 10.48
N PRO A 244 6.40 8.05 9.41
CA PRO A 244 6.50 6.87 8.54
C PRO A 244 7.75 6.82 7.69
N SER A 245 8.62 7.82 7.86
CA SER A 245 9.87 7.85 7.11
C SER A 245 10.99 7.36 8.02
N SER A 246 10.74 7.47 9.33
CA SER A 246 11.70 7.06 10.35
C SER A 246 11.87 5.54 10.46
N ALA A 247 13.11 5.08 10.38
CA ALA A 247 13.38 3.66 10.49
C ALA A 247 13.18 3.20 11.94
N TRP A 248 12.60 2.01 12.10
CA TRP A 248 12.36 1.46 13.44
C TRP A 248 13.47 0.50 13.84
N GLN A 249 13.85 0.55 15.12
CA GLN A 249 14.88 -0.32 15.66
C GLN A 249 14.38 -1.72 15.99
N SER A 250 13.16 -1.79 16.52
CA SER A 250 12.54 -3.04 16.92
C SER A 250 12.59 -4.16 15.89
N THR A 251 12.91 -5.36 16.38
CA THR A 251 12.96 -6.56 15.54
C THR A 251 11.91 -7.54 16.06
N GLN A 252 10.96 -7.02 16.83
CA GLN A 252 9.88 -7.83 17.36
C GLN A 252 8.79 -7.83 16.29
N ILE A 253 8.94 -8.73 15.35
CA ILE A 253 8.03 -8.90 14.22
C ILE A 253 7.37 -10.28 14.36
N VAL A 254 6.04 -10.31 14.33
CA VAL A 254 5.32 -11.55 14.50
C VAL A 254 4.25 -11.75 13.46
N THR A 255 4.05 -13.00 13.08
CA THR A 255 3.01 -13.34 12.10
C THR A 255 1.69 -13.49 12.86
N VAL A 256 0.69 -12.73 12.45
CA VAL A 256 -0.62 -12.76 13.10
C VAL A 256 -1.73 -13.25 12.21
N GLY A 257 -1.38 -13.73 11.01
CA GLY A 257 -2.40 -14.21 10.11
C GLY A 257 -1.90 -14.43 8.71
N THR A 258 -2.72 -15.06 7.88
CA THR A 258 -2.35 -15.34 6.50
C THR A 258 -3.49 -15.03 5.54
N VAL A 259 -3.16 -14.37 4.44
CA VAL A 259 -4.14 -14.06 3.41
C VAL A 259 -4.00 -15.14 2.35
N THR A 260 -5.07 -15.87 2.09
CA THR A 260 -5.05 -16.91 1.07
C THR A 260 -5.91 -16.46 -0.10
N ILE A 261 -5.23 -16.10 -1.19
CA ILE A 261 -5.85 -15.63 -2.43
C ILE A 261 -6.08 -16.82 -3.36
N THR A 262 -7.32 -17.00 -3.80
CA THR A 262 -7.65 -18.13 -4.65
C THR A 262 -7.98 -17.84 -6.10
N GLY A 263 -8.28 -16.58 -6.40
CA GLY A 263 -8.60 -16.25 -7.77
C GLY A 263 -9.01 -14.80 -7.98
N PRO A 264 -9.06 -14.36 -9.25
CA PRO A 264 -9.45 -12.98 -9.59
C PRO A 264 -10.92 -12.74 -9.29
N ASP A 265 -11.25 -11.54 -8.83
CA ASP A 265 -12.63 -11.21 -8.51
C ASP A 265 -13.37 -10.76 -9.76
N THR A 266 -14.67 -11.05 -9.82
CA THR A 266 -15.49 -10.64 -10.98
C THR A 266 -16.83 -10.01 -10.60
N GLU A 267 -17.19 -10.06 -9.33
CA GLU A 267 -18.48 -9.51 -8.94
C GLU A 267 -18.40 -8.07 -8.43
N ARG A 268 -17.18 -7.56 -8.28
CA ARG A 268 -16.96 -6.22 -7.78
C ARG A 268 -16.64 -5.16 -8.85
N GLU A 269 -17.04 -3.92 -8.58
CA GLU A 269 -16.82 -2.77 -9.47
C GLU A 269 -17.64 -2.78 -10.76
N HIS A 270 -18.89 -3.17 -10.63
CA HIS A 270 -19.82 -3.21 -11.75
C HIS A 270 -21.02 -2.36 -11.34
N GLY A 271 -21.32 -1.35 -12.15
CA GLY A 271 -22.41 -0.46 -11.83
C GLY A 271 -21.85 0.69 -11.02
N GLY A 272 -22.64 1.21 -10.09
CA GLY A 272 -22.15 2.32 -9.27
C GLY A 272 -21.27 1.87 -8.12
N ASP A 273 -20.84 0.60 -8.14
CA ASP A 273 -20.00 0.03 -7.09
C ASP A 273 -18.61 0.62 -7.08
N ILE A 274 -18.23 1.18 -5.93
CA ILE A 274 -16.91 1.78 -5.75
C ILE A 274 -16.07 0.96 -4.78
N VAL A 275 -14.79 0.81 -5.11
CA VAL A 275 -13.87 0.07 -4.26
C VAL A 275 -12.66 0.92 -3.92
N VAL A 276 -12.56 1.30 -2.65
CA VAL A 276 -11.46 2.12 -2.18
C VAL A 276 -10.84 1.57 -0.89
N PHE A 277 -9.52 1.45 -0.88
CA PHE A 277 -8.81 0.94 0.30
C PHE A 277 -8.25 2.14 1.05
N ASP A 278 -8.95 2.55 2.09
CA ASP A 278 -8.56 3.71 2.89
C ASP A 278 -7.79 3.27 4.14
N PRO A 279 -6.55 3.73 4.30
CA PRO A 279 -5.78 3.32 5.49
C PRO A 279 -6.46 3.70 6.81
N MET A 280 -7.36 4.66 6.74
CA MET A 280 -8.07 5.13 7.93
C MET A 280 -9.29 4.27 8.26
N ARG A 281 -9.64 3.37 7.36
CA ARG A 281 -10.78 2.48 7.58
C ARG A 281 -10.42 1.37 8.57
N VAL A 282 -10.26 1.76 9.82
CA VAL A 282 -9.91 0.83 10.87
C VAL A 282 -11.17 0.16 11.42
N THR A 283 -11.07 -0.40 12.63
CA THR A 283 -12.19 -1.06 13.27
C THR A 283 -11.94 -1.13 14.76
N ASP A 284 -12.88 -1.65 15.52
CA ASP A 284 -12.68 -1.72 16.96
C ASP A 284 -11.43 -2.55 17.25
N GLY A 285 -10.56 -2.01 18.09
CA GLY A 285 -9.33 -2.71 18.43
C GLY A 285 -8.13 -2.20 17.65
N ILE A 286 -8.38 -1.32 16.68
CA ILE A 286 -7.31 -0.72 15.86
C ILE A 286 -7.56 0.77 15.66
N GLU A 287 -6.62 1.60 16.12
CA GLU A 287 -6.73 3.05 15.99
C GLU A 287 -5.55 3.61 15.20
N PRO A 288 -5.75 4.77 14.54
CA PRO A 288 -4.67 5.38 13.76
C PRO A 288 -3.77 6.20 14.66
N SER A 289 -2.51 6.30 14.28
CA SER A 289 -1.53 7.06 15.04
C SER A 289 -1.61 8.52 14.61
N ASP A 290 -0.97 9.40 15.37
CA ASP A 290 -0.96 10.82 15.04
C ASP A 290 0.00 11.06 13.89
N ASP A 291 -0.10 10.18 12.90
CA ASP A 291 0.72 10.24 11.70
C ASP A 291 0.02 11.22 10.75
N PRO A 292 0.69 12.34 10.42
CA PRO A 292 0.10 13.35 9.52
C PRO A 292 -0.13 12.87 8.09
N VAL A 293 0.69 11.94 7.63
CA VAL A 293 0.53 11.40 6.28
C VAL A 293 -0.68 10.47 6.22
N LEU A 294 -0.81 9.62 7.23
CA LEU A 294 -1.91 8.67 7.35
C LEU A 294 -3.27 9.37 7.42
N ARG A 295 -3.32 10.49 8.15
CA ARG A 295 -4.55 11.25 8.33
C ARG A 295 -4.97 12.03 7.09
N PHE A 296 -3.99 12.44 6.29
CA PHE A 296 -4.25 13.20 5.09
C PHE A 296 -4.76 12.33 3.95
N ARG A 297 -4.28 11.09 3.93
CA ARG A 297 -4.68 10.16 2.89
C ARG A 297 -6.18 10.01 2.69
N THR A 298 -6.90 9.70 3.76
CA THR A 298 -8.34 9.50 3.69
C THR A 298 -9.06 10.64 2.98
N LEU A 299 -8.52 11.86 3.11
CA LEU A 299 -9.11 13.03 2.48
C LEU A 299 -8.75 13.09 0.99
N VAL A 300 -7.47 12.96 0.67
CA VAL A 300 -7.07 13.00 -0.72
C VAL A 300 -7.69 11.84 -1.48
N TYR A 301 -7.98 10.75 -0.76
CA TYR A 301 -8.61 9.59 -1.40
C TYR A 301 -10.05 9.93 -1.75
N SER A 302 -10.75 10.61 -0.84
CA SER A 302 -12.15 10.97 -1.10
C SER A 302 -12.19 11.79 -2.39
N ALA A 303 -11.22 12.69 -2.53
CA ALA A 303 -11.14 13.52 -3.72
C ALA A 303 -10.99 12.63 -4.95
N SER A 304 -10.04 11.70 -4.88
CA SER A 304 -9.79 10.78 -5.98
C SER A 304 -11.00 9.92 -6.31
N VAL A 305 -11.64 9.39 -5.28
CA VAL A 305 -12.81 8.55 -5.45
C VAL A 305 -13.92 9.34 -6.10
N LYS A 306 -13.97 10.64 -5.82
CA LYS A 306 -14.98 11.49 -6.40
C LYS A 306 -14.72 11.67 -7.90
N LEU A 307 -13.46 11.97 -8.25
CA LEU A 307 -13.08 12.17 -9.64
C LEU A 307 -13.40 10.99 -10.54
N ARG A 308 -13.46 9.79 -9.97
CA ARG A 308 -13.72 8.61 -10.77
C ARG A 308 -15.12 8.05 -10.61
N THR A 309 -15.88 8.58 -9.67
CA THR A 309 -17.24 8.12 -9.44
C THR A 309 -18.15 8.64 -10.55
N GLY A 310 -18.08 9.94 -10.80
CA GLY A 310 -18.89 10.54 -11.85
C GLY A 310 -18.69 9.91 -13.22
N VAL A 311 -17.49 10.05 -13.79
CA VAL A 311 -17.16 9.50 -15.11
C VAL A 311 -17.03 7.99 -15.09
CHA HEM B . -3.82 4.58 -3.69
CHB HEM B . -2.74 9.17 -2.81
CHC HEM B . 0.54 7.80 0.38
CHD HEM B . -0.50 3.20 -0.51
C1A HEM B . -3.83 5.96 -3.70
C2A HEM B . -4.71 6.80 -4.49
C3A HEM B . -4.38 8.08 -4.24
C4A HEM B . -3.33 8.06 -3.30
CMA HEM B . -5.04 9.32 -4.86
CAA HEM B . -5.82 6.37 -5.44
CBA HEM B . -7.07 6.32 -4.46
CGA HEM B . -8.42 5.93 -5.03
O1A HEM B . -8.89 6.47 -5.96
O2A HEM B . -9.11 4.97 -4.45
C1B HEM B . -1.74 9.19 -1.89
C2B HEM B . -1.17 10.42 -1.42
C3B HEM B . -0.23 10.11 -0.51
C4B HEM B . -0.26 8.58 -0.45
CMB HEM B . -1.56 11.84 -1.87
CAB HEM B . 0.60 11.11 0.23
CBB HEM B . 0.27 11.65 1.39
C1C HEM B . 0.53 6.43 0.45
C2C HEM B . 1.37 5.63 1.32
C3C HEM B . 1.09 4.32 1.08
C4C HEM B . 0.07 4.31 0.04
CMC HEM B . 2.39 6.16 2.33
CAC HEM B . 1.75 3.14 1.77
CBC HEM B . 1.10 2.22 2.48
C1D HEM B . -1.49 3.19 -1.49
C2D HEM B . -2.04 1.93 -2.04
C3D HEM B . -2.96 2.27 -2.92
C4D HEM B . -2.98 3.79 -2.92
CMD HEM B . -1.62 0.51 -1.67
CAD HEM B . -3.78 1.26 -3.75
CBD HEM B . -5.29 1.35 -3.59
CGD HEM B . -5.99 0.31 -4.47
O1D HEM B . -5.38 -0.46 -5.18
O2D HEM B . -7.30 0.28 -4.47
NA HEM B . -2.98 6.75 -2.93
NB HEM B . -1.19 8.10 -1.31
NC HEM B . -0.27 5.61 -0.31
ND HEM B . -2.07 4.27 -2.04
FE HEM B . -1.61 6.16 -1.63
C1 GOL C . 5.11 4.92 -1.49
O1 GOL C . 6.17 5.73 -0.96
C2 GOL C . 4.02 5.74 -2.19
O2 GOL C . 3.17 6.34 -1.24
C3 GOL C . 3.22 4.86 -3.14
O3 GOL C . 2.20 5.59 -3.81
C1 GOL D . 10.52 -19.32 0.38
O1 GOL D . 9.55 -19.34 1.44
C2 GOL D . 10.59 -20.65 -0.37
O2 GOL D . 10.65 -21.71 0.55
C3 GOL D . 11.80 -20.66 -1.30
O3 GOL D . 11.94 -21.87 -2.05
P PO4 E . -20.03 -2.58 -16.00
O1 PO4 E . -18.76 -3.58 -15.95
O2 PO4 E . -21.33 -3.39 -16.49
O3 PO4 E . -20.30 -1.97 -14.53
O4 PO4 E . -19.73 -1.47 -16.93
#